data_2PA2
#
_entry.id   2PA2
#
_cell.length_a   52.724
_cell.length_b   52.724
_cell.length_c   185.489
_cell.angle_alpha   90.00
_cell.angle_beta   90.00
_cell.angle_gamma   120.00
#
_symmetry.space_group_name_H-M   'P 31 2 1'
#
loop_
_entity.id
_entity.type
_entity.pdbx_description
1 polymer '60S ribosomal protein L10'
2 non-polymer 'POTASSIUM ION'
3 water water
#
_entity_poly.entity_id   1
_entity_poly.type   'polypeptide(L)'
_entity_poly.pdbx_seq_one_letter_code
;GSFDLGRKKAKVDEFPLCGHMVSDEYEQLSSEALEAARICANKYMVKSCGKDGFHIRVRLHPFHVIRINKMLSCAGADRL
QTGMRGAFGKPQGTVARVHIGQVIMSIRTKLQNKEHVIEALRRAKFKFPGRQKIHISKKWGFTKFNADEFE
;
_entity_poly.pdbx_strand_id   A,B
#
loop_
_chem_comp.id
_chem_comp.type
_chem_comp.name
_chem_comp.formula
K non-polymer 'POTASSIUM ION' 'K 1'
#
# COMPACT_ATOMS: atom_id res chain seq x y z
N LYS A 9 15.38 -4.03 -0.83
CA LYS A 9 15.26 -4.04 0.65
C LYS A 9 14.88 -2.65 1.19
N ALA A 10 14.11 -2.62 2.28
CA ALA A 10 13.70 -1.34 2.89
C ALA A 10 14.68 -0.92 4.00
N LYS A 11 15.25 0.27 3.87
CA LYS A 11 16.23 0.78 4.85
C LYS A 11 15.61 1.07 6.21
N VAL A 12 15.05 0.04 6.84
CA VAL A 12 14.41 0.21 8.13
C VAL A 12 15.41 0.48 9.25
N ASP A 13 16.61 -0.08 9.13
CA ASP A 13 17.63 0.11 10.15
C ASP A 13 18.30 1.47 10.07
N GLU A 14 18.61 1.93 8.85
CA GLU A 14 19.29 3.19 8.72
C GLU A 14 18.37 4.42 8.77
N PHE A 15 17.14 4.27 8.30
CA PHE A 15 16.16 5.36 8.33
C PHE A 15 15.01 4.96 9.25
N PRO A 16 15.25 4.99 10.57
CA PRO A 16 14.28 4.63 11.62
C PRO A 16 13.15 5.59 11.93
N LEU A 17 13.28 6.87 11.56
CA LEU A 17 12.21 7.81 11.85
C LEU A 17 11.23 7.88 10.69
N CYS A 18 9.95 7.73 11.00
CA CYS A 18 8.93 7.78 9.97
C CYS A 18 8.00 8.97 10.13
N GLY A 19 7.63 9.57 9.01
CA GLY A 19 6.71 10.69 9.02
C GLY A 19 5.54 10.27 8.15
N HIS A 20 4.33 10.52 8.62
CA HIS A 20 3.15 10.12 7.86
C HIS A 20 2.13 11.21 7.64
N MET A 21 1.74 11.40 6.38
CA MET A 21 0.71 12.37 6.11
C MET A 21 -0.59 11.55 6.23
N VAL A 22 -1.32 11.76 7.32
CA VAL A 22 -2.54 11.01 7.54
C VAL A 22 -3.80 11.77 7.14
N SER A 23 -4.58 11.20 6.23
CA SER A 23 -5.82 11.83 5.76
C SER A 23 -6.83 11.98 6.88
N ASP A 24 -7.60 13.06 6.81
CA ASP A 24 -8.63 13.34 7.81
C ASP A 24 -9.91 13.66 7.03
N GLU A 25 -9.93 13.25 5.78
CA GLU A 25 -11.04 13.52 4.91
C GLU A 25 -11.26 12.32 3.99
N TYR A 26 -12.50 12.10 3.58
CA TYR A 26 -12.80 11.02 2.67
C TYR A 26 -12.91 11.76 1.35
N GLU A 27 -12.22 11.30 0.33
CA GLU A 27 -12.26 11.97 -0.96
C GLU A 27 -11.46 11.25 -2.02
N GLN A 28 -11.61 11.73 -3.25
CA GLN A 28 -10.88 11.16 -4.37
C GLN A 28 -9.75 12.14 -4.66
N LEU A 29 -8.56 11.61 -4.88
CA LEU A 29 -7.40 12.45 -5.16
C LEU A 29 -6.85 12.09 -6.52
N SER A 30 -6.69 13.09 -7.38
CA SER A 30 -6.19 12.86 -8.72
C SER A 30 -4.73 12.43 -8.72
N SER A 31 -4.31 11.81 -9.81
CA SER A 31 -2.94 11.36 -9.94
C SER A 31 -2.02 12.59 -10.03
N GLU A 32 -2.59 13.70 -10.48
CA GLU A 32 -1.86 14.96 -10.62
C GLU A 32 -1.59 15.62 -9.27
N ALA A 33 -2.58 15.61 -8.39
CA ALA A 33 -2.44 16.19 -7.06
C ALA A 33 -1.48 15.33 -6.24
N LEU A 34 -1.61 14.01 -6.37
CA LEU A 34 -0.75 13.08 -5.63
C LEU A 34 0.70 13.17 -6.08
N GLU A 35 0.89 13.37 -7.38
CA GLU A 35 2.24 13.47 -7.90
C GLU A 35 2.80 14.83 -7.50
N ALA A 36 1.97 15.88 -7.58
CA ALA A 36 2.40 17.22 -7.19
C ALA A 36 2.97 17.12 -5.78
N ALA A 37 2.13 16.65 -4.86
CA ALA A 37 2.51 16.49 -3.46
C ALA A 37 3.80 15.70 -3.28
N ARG A 38 3.99 14.63 -4.05
CA ARG A 38 5.20 13.84 -3.92
C ARG A 38 6.41 14.65 -4.37
N ILE A 39 6.22 15.46 -5.41
CA ILE A 39 7.29 16.30 -5.94
C ILE A 39 7.68 17.28 -4.85
N CYS A 40 6.69 18.00 -4.34
CA CYS A 40 6.89 18.99 -3.30
C CYS A 40 7.66 18.41 -2.11
N ALA A 41 7.15 17.32 -1.54
CA ALA A 41 7.82 16.70 -0.41
C ALA A 41 9.24 16.25 -0.75
N ASN A 42 9.42 15.68 -1.94
CA ASN A 42 10.72 15.18 -2.37
C ASN A 42 11.74 16.31 -2.48
N LYS A 43 11.33 17.39 -3.13
CA LYS A 43 12.19 18.56 -3.32
C LYS A 43 12.74 19.08 -1.99
N TYR A 44 11.87 19.29 -1.02
CA TYR A 44 12.32 19.80 0.28
C TYR A 44 13.21 18.79 0.99
N MET A 45 12.91 17.51 0.83
CA MET A 45 13.72 16.48 1.46
C MET A 45 15.15 16.41 0.90
N VAL A 46 15.30 16.49 -0.41
CA VAL A 46 16.62 16.41 -1.02
C VAL A 46 17.49 17.58 -0.59
N LYS A 47 16.95 18.79 -0.66
CA LYS A 47 17.72 19.96 -0.28
C LYS A 47 17.89 20.11 1.22
N SER A 48 17.13 19.36 2.01
CA SER A 48 17.25 19.44 3.46
C SER A 48 17.95 18.24 4.10
N CYS A 49 17.94 17.09 3.42
CA CYS A 49 18.56 15.89 3.97
C CYS A 49 19.50 15.18 3.01
N GLY A 50 19.54 15.66 1.77
CA GLY A 50 20.39 15.03 0.78
C GLY A 50 19.61 14.02 -0.04
N LYS A 51 19.78 14.11 -1.36
CA LYS A 51 19.10 13.23 -2.30
C LYS A 51 19.01 11.75 -1.90
N ASP A 52 19.93 11.30 -1.05
CA ASP A 52 19.94 9.91 -0.61
C ASP A 52 19.75 9.79 0.91
N GLY A 53 19.34 10.88 1.54
CA GLY A 53 19.16 10.89 2.98
C GLY A 53 17.79 10.48 3.46
N PHE A 54 16.93 10.03 2.54
CA PHE A 54 15.58 9.63 2.90
C PHE A 54 14.94 8.69 1.88
N HIS A 55 13.74 8.23 2.21
CA HIS A 55 12.94 7.37 1.36
C HIS A 55 11.51 7.90 1.41
N ILE A 56 10.88 8.09 0.26
CA ILE A 56 9.52 8.61 0.25
C ILE A 56 8.62 7.75 -0.65
N ARG A 57 7.35 7.61 -0.26
CA ARG A 57 6.43 6.80 -1.06
C ARG A 57 4.96 7.17 -0.86
N VAL A 58 4.22 7.21 -1.97
CA VAL A 58 2.80 7.51 -1.93
C VAL A 58 2.14 6.16 -1.66
N ARG A 59 1.35 6.06 -0.58
CA ARG A 59 0.69 4.81 -0.20
C ARG A 59 -0.72 4.65 -0.78
N LEU A 60 -1.00 5.36 -1.87
CA LEU A 60 -2.32 5.29 -2.49
C LEU A 60 -2.25 4.71 -3.90
N HIS A 61 -3.38 4.14 -4.34
CA HIS A 61 -3.48 3.52 -5.65
C HIS A 61 -4.92 3.63 -6.18
N PRO A 62 -5.09 3.65 -7.52
CA PRO A 62 -4.03 3.56 -8.53
C PRO A 62 -3.24 4.86 -8.65
N PHE A 63 -1.93 4.71 -8.84
CA PHE A 63 -1.02 5.85 -8.99
C PHE A 63 0.04 5.53 -10.04
N GLY A 93 -4.22 9.56 -16.72
CA GLY A 93 -4.35 9.84 -15.31
C GLY A 93 -5.19 8.79 -14.57
N THR A 94 -5.22 8.92 -13.25
CA THR A 94 -5.97 7.99 -12.40
C THR A 94 -6.62 8.77 -11.26
N VAL A 95 -7.43 8.10 -10.45
CA VAL A 95 -8.06 8.74 -9.30
C VAL A 95 -8.03 7.74 -8.14
N ALA A 96 -7.54 8.18 -7.00
CA ALA A 96 -7.44 7.31 -5.83
C ALA A 96 -8.28 7.80 -4.68
N ARG A 97 -8.90 6.84 -3.99
CA ARG A 97 -9.78 7.13 -2.87
C ARG A 97 -9.01 7.13 -1.55
N VAL A 98 -9.45 7.96 -0.62
CA VAL A 98 -8.79 8.05 0.67
C VAL A 98 -9.86 8.08 1.75
N HIS A 99 -9.57 7.43 2.87
CA HIS A 99 -10.50 7.39 3.99
C HIS A 99 -9.95 8.20 5.12
N ILE A 100 -10.79 8.52 6.08
CA ILE A 100 -10.38 9.28 7.24
C ILE A 100 -9.41 8.40 8.05
N GLY A 101 -8.26 8.97 8.40
CA GLY A 101 -7.28 8.22 9.17
C GLY A 101 -6.34 7.41 8.28
N GLN A 102 -6.58 7.43 6.98
CA GLN A 102 -5.74 6.67 6.07
C GLN A 102 -4.45 7.41 5.68
N VAL A 103 -3.34 6.68 5.70
CA VAL A 103 -2.04 7.24 5.32
C VAL A 103 -2.01 7.52 3.82
N ILE A 104 -1.61 8.74 3.48
CA ILE A 104 -1.50 9.15 2.10
C ILE A 104 -0.06 9.01 1.59
N MET A 105 0.88 9.49 2.41
CA MET A 105 2.29 9.51 2.06
C MET A 105 3.14 9.24 3.30
N SER A 106 4.29 8.62 3.10
CA SER A 106 5.19 8.34 4.19
C SER A 106 6.64 8.60 3.82
N ILE A 107 7.41 9.09 4.78
CA ILE A 107 8.82 9.37 4.61
C ILE A 107 9.59 8.74 5.75
N ARG A 108 10.75 8.16 5.47
CA ARG A 108 11.58 7.61 6.53
C ARG A 108 12.97 8.20 6.33
N THR A 109 13.66 8.46 7.43
CA THR A 109 14.98 9.05 7.37
C THR A 109 15.67 8.86 8.70
N LYS A 110 16.74 9.61 8.92
CA LYS A 110 17.47 9.52 10.17
C LYS A 110 16.79 10.37 11.23
N LEU A 111 16.87 9.92 12.48
CA LEU A 111 16.27 10.63 13.60
C LEU A 111 16.59 12.12 13.61
N GLN A 112 17.79 12.48 13.16
CA GLN A 112 18.18 13.88 13.16
C GLN A 112 17.35 14.75 12.23
N ASN A 113 16.72 14.15 11.22
CA ASN A 113 15.93 14.92 10.27
C ASN A 113 14.45 15.05 10.60
N LYS A 114 14.04 14.56 11.76
CA LYS A 114 12.64 14.63 12.17
C LYS A 114 11.95 15.91 11.73
N GLU A 115 12.51 17.05 12.10
CA GLU A 115 11.94 18.34 11.77
C GLU A 115 11.76 18.59 10.27
N HIS A 116 12.68 18.09 9.46
CA HIS A 116 12.61 18.27 8.01
C HIS A 116 11.47 17.47 7.39
N VAL A 117 11.19 16.32 8.01
CA VAL A 117 10.11 15.44 7.56
C VAL A 117 8.79 16.17 7.79
N ILE A 118 8.63 16.71 8.99
CA ILE A 118 7.43 17.44 9.34
C ILE A 118 7.20 18.59 8.37
N GLU A 119 8.27 19.31 8.05
CA GLU A 119 8.18 20.41 7.12
C GLU A 119 7.86 19.94 5.71
N ALA A 120 8.41 18.80 5.32
CA ALA A 120 8.16 18.25 3.99
C ALA A 120 6.68 17.89 3.84
N LEU A 121 6.16 17.13 4.80
CA LEU A 121 4.77 16.73 4.75
C LEU A 121 3.82 17.93 4.90
N ARG A 122 4.16 18.86 5.79
CA ARG A 122 3.32 20.04 6.00
C ARG A 122 3.16 20.91 4.74
N ARG A 123 4.19 20.96 3.89
CA ARG A 123 4.10 21.74 2.66
C ARG A 123 3.32 20.98 1.62
N ALA A 124 3.65 19.69 1.49
CA ALA A 124 3.01 18.82 0.51
C ALA A 124 1.51 18.74 0.68
N LYS A 125 1.04 18.83 1.92
CA LYS A 125 -0.38 18.73 2.12
C LYS A 125 -1.11 19.90 1.47
N PHE A 126 -0.40 20.83 0.83
CA PHE A 126 -1.11 21.94 0.20
C PHE A 126 -1.62 21.55 -1.17
N LYS A 127 -1.06 20.47 -1.73
CA LYS A 127 -1.46 20.00 -3.05
C LYS A 127 -2.76 19.21 -2.99
N PHE A 128 -3.24 18.97 -1.77
CA PHE A 128 -4.47 18.20 -1.55
C PHE A 128 -5.54 18.99 -0.84
N PRO A 129 -6.80 18.92 -1.33
CA PRO A 129 -7.92 19.63 -0.69
C PRO A 129 -8.28 18.92 0.62
N GLY A 130 -9.28 19.41 1.33
CA GLY A 130 -9.67 18.78 2.57
C GLY A 130 -8.56 18.88 3.60
N ARG A 131 -8.77 18.30 4.78
CA ARG A 131 -7.78 18.34 5.85
C ARG A 131 -6.87 17.11 5.97
N GLN A 132 -5.62 17.36 6.33
CA GLN A 132 -4.62 16.31 6.51
C GLN A 132 -3.86 16.52 7.82
N LYS A 133 -3.43 15.43 8.44
CA LYS A 133 -2.69 15.49 9.69
C LYS A 133 -1.31 14.87 9.52
N ILE A 134 -0.38 15.24 10.39
CA ILE A 134 0.97 14.70 10.32
C ILE A 134 1.31 13.89 11.56
N HIS A 135 1.74 12.66 11.33
CA HIS A 135 2.07 11.75 12.41
C HIS A 135 3.51 11.26 12.28
N ILE A 136 4.26 11.32 13.37
CA ILE A 136 5.64 10.87 13.39
C ILE A 136 5.78 9.66 14.30
N SER A 137 6.51 8.63 13.84
CA SER A 137 6.71 7.45 14.66
C SER A 137 7.85 6.59 14.15
N LYS A 138 8.12 5.50 14.85
CA LYS A 138 9.19 4.58 14.48
C LYS A 138 8.62 3.44 13.65
N LYS A 139 7.30 3.41 13.54
CA LYS A 139 6.59 2.40 12.78
C LYS A 139 6.15 2.95 11.43
N TRP A 140 6.20 2.11 10.41
CA TRP A 140 5.82 2.51 9.06
C TRP A 140 4.34 2.24 8.80
N GLY A 141 3.76 1.34 9.58
CA GLY A 141 2.36 1.00 9.43
C GLY A 141 2.05 0.12 8.25
N PHE A 142 0.89 -0.54 8.29
CA PHE A 142 0.47 -1.42 7.22
C PHE A 142 -1.00 -1.77 7.37
N THR A 143 -1.60 -2.24 6.27
CA THR A 143 -3.00 -2.64 6.28
C THR A 143 -3.12 -4.01 6.94
N LYS A 144 -4.10 -4.14 7.82
CA LYS A 144 -4.30 -5.40 8.52
C LYS A 144 -5.77 -5.68 8.78
N PHE A 145 -6.09 -6.95 8.94
CA PHE A 145 -7.45 -7.38 9.21
C PHE A 145 -7.45 -8.24 10.46
N LYS B 9 -9.10 5.25 -12.29
CA LYS B 9 -10.25 4.99 -11.38
C LYS B 9 -10.27 3.54 -10.87
N ALA B 10 -10.54 3.35 -9.58
CA ALA B 10 -10.61 2.02 -8.99
C ALA B 10 -12.06 1.52 -8.96
N LYS B 11 -12.43 0.63 -9.88
CA LYS B 11 -13.81 0.12 -9.97
C LYS B 11 -14.26 -0.67 -8.76
N VAL B 12 -14.74 0.07 -7.75
CA VAL B 12 -15.22 -0.51 -6.50
C VAL B 12 -16.69 -0.89 -6.54
N ASP B 13 -17.44 -0.21 -7.40
CA ASP B 13 -18.87 -0.47 -7.49
C ASP B 13 -19.18 -1.74 -8.25
N GLU B 14 -18.42 -2.04 -9.30
CA GLU B 14 -18.69 -3.26 -10.06
C GLU B 14 -18.06 -4.49 -9.40
N PHE B 15 -16.93 -4.30 -8.72
CA PHE B 15 -16.25 -5.40 -8.04
C PHE B 15 -16.23 -5.17 -6.53
N PRO B 16 -17.40 -5.31 -5.87
CA PRO B 16 -17.59 -5.12 -4.44
C PRO B 16 -17.11 -6.23 -3.51
N LEU B 17 -16.80 -7.41 -4.06
CA LEU B 17 -16.32 -8.50 -3.22
C LEU B 17 -14.80 -8.49 -3.12
N CYS B 18 -14.28 -8.42 -1.91
CA CYS B 18 -12.83 -8.38 -1.72
C CYS B 18 -12.32 -9.61 -0.99
N GLY B 19 -11.21 -10.14 -1.48
CA GLY B 19 -10.60 -11.30 -0.85
C GLY B 19 -9.18 -10.85 -0.50
N HIS B 20 -8.73 -11.20 0.70
CA HIS B 20 -7.41 -10.79 1.14
C HIS B 20 -6.55 -11.93 1.66
N MET B 21 -5.30 -11.98 1.22
CA MET B 21 -4.39 -13.00 1.71
C MET B 21 -3.65 -12.34 2.88
N VAL B 22 -4.13 -12.58 4.10
CA VAL B 22 -3.52 -11.98 5.29
C VAL B 22 -2.38 -12.81 5.88
N SER B 23 -1.21 -12.19 5.98
CA SER B 23 -0.02 -12.85 6.54
C SER B 23 -0.20 -13.22 8.00
N ASP B 24 0.39 -14.34 8.38
CA ASP B 24 0.29 -14.82 9.75
C ASP B 24 1.70 -15.03 10.28
N GLU B 25 2.64 -14.50 9.52
CA GLU B 25 4.05 -14.62 9.84
C GLU B 25 4.70 -13.26 9.67
N TYR B 26 5.86 -13.10 10.29
CA TYR B 26 6.64 -11.88 10.15
C TYR B 26 7.82 -12.37 9.34
N GLU B 27 8.01 -11.83 8.15
CA GLU B 27 9.11 -12.29 7.35
C GLU B 27 9.41 -11.40 6.15
N GLN B 28 10.47 -11.75 5.45
CA GLN B 28 10.86 -11.02 4.26
C GLN B 28 10.49 -11.94 3.10
N LEU B 29 9.79 -11.39 2.12
CA LEU B 29 9.39 -12.16 0.95
C LEU B 29 10.08 -11.57 -0.27
N SER B 30 10.70 -12.43 -1.09
CA SER B 30 11.39 -11.96 -2.28
C SER B 30 10.40 -11.53 -3.35
N SER B 31 10.83 -10.62 -4.21
CA SER B 31 9.97 -10.15 -5.29
C SER B 31 9.67 -11.29 -6.26
N GLU B 32 10.44 -12.37 -6.18
CA GLU B 32 10.25 -13.53 -7.04
C GLU B 32 9.04 -14.33 -6.55
N ALA B 33 9.02 -14.64 -5.26
CA ALA B 33 7.91 -15.38 -4.66
C ALA B 33 6.63 -14.54 -4.75
N LEU B 34 6.77 -13.24 -4.52
CA LEU B 34 5.67 -12.31 -4.57
C LEU B 34 5.03 -12.28 -5.96
N GLU B 35 5.87 -12.36 -6.98
CA GLU B 35 5.38 -12.36 -8.36
C GLU B 35 4.72 -13.70 -8.65
N ALA B 36 5.44 -14.78 -8.33
CA ALA B 36 4.93 -16.12 -8.54
C ALA B 36 3.50 -16.13 -8.03
N ALA B 37 3.35 -15.81 -6.76
CA ALA B 37 2.03 -15.77 -6.13
C ALA B 37 1.03 -14.93 -6.92
N ARG B 38 1.48 -13.81 -7.48
CA ARG B 38 0.59 -12.94 -8.24
C ARG B 38 0.22 -13.58 -9.58
N ILE B 39 1.21 -14.19 -10.24
CA ILE B 39 0.99 -14.85 -11.51
C ILE B 39 -0.02 -15.97 -11.26
N CYS B 40 0.33 -16.84 -10.31
CA CYS B 40 -0.52 -17.95 -9.95
C CYS B 40 -1.97 -17.52 -9.73
N ALA B 41 -2.17 -16.52 -8.88
CA ALA B 41 -3.51 -16.05 -8.58
C ALA B 41 -4.19 -15.41 -9.80
N ASN B 42 -3.43 -14.64 -10.57
CA ASN B 42 -3.98 -13.96 -11.74
C ASN B 42 -4.48 -14.98 -12.76
N LYS B 43 -3.70 -16.04 -12.94
CA LYS B 43 -4.06 -17.10 -13.89
C LYS B 43 -5.36 -17.81 -13.55
N TYR B 44 -5.57 -18.10 -12.27
CA TYR B 44 -6.78 -18.78 -11.88
C TYR B 44 -7.97 -17.85 -11.97
N MET B 45 -7.74 -16.56 -11.71
CA MET B 45 -8.82 -15.60 -11.80
C MET B 45 -9.25 -15.39 -13.25
N VAL B 46 -8.29 -15.37 -14.17
CA VAL B 46 -8.65 -15.17 -15.58
C VAL B 46 -9.44 -16.35 -16.12
N LYS B 47 -8.95 -17.57 -15.91
CA LYS B 47 -9.64 -18.75 -16.42
C LYS B 47 -10.97 -19.00 -15.71
N SER B 48 -11.10 -18.53 -14.47
CA SER B 48 -12.35 -18.75 -13.74
C SER B 48 -13.32 -17.57 -13.74
N CYS B 49 -12.84 -16.36 -14.01
CA CYS B 49 -13.71 -15.18 -14.01
C CYS B 49 -13.57 -14.29 -15.24
N GLY B 50 -12.58 -14.58 -16.06
CA GLY B 50 -12.37 -13.78 -17.26
C GLY B 50 -11.39 -12.64 -17.02
N LYS B 51 -10.42 -12.52 -17.92
CA LYS B 51 -9.37 -11.50 -17.86
C LYS B 51 -9.75 -10.09 -17.38
N ASP B 52 -11.03 -9.72 -17.48
CA ASP B 52 -11.47 -8.38 -17.04
C ASP B 52 -12.58 -8.49 -16.00
N GLY B 53 -12.70 -9.66 -15.39
CA GLY B 53 -13.72 -9.87 -14.39
C GLY B 53 -13.25 -9.66 -12.97
N PHE B 54 -12.01 -9.19 -12.82
CA PHE B 54 -11.44 -8.95 -11.50
C PHE B 54 -10.28 -7.97 -11.52
N HIS B 55 -9.88 -7.56 -10.33
CA HIS B 55 -8.77 -6.65 -10.14
C HIS B 55 -7.87 -7.26 -9.06
N ILE B 56 -6.59 -7.46 -9.36
CA ILE B 56 -5.67 -8.03 -8.39
C ILE B 56 -4.49 -7.09 -8.14
N ARG B 57 -3.99 -7.06 -6.91
CA ARG B 57 -2.87 -6.20 -6.57
C ARG B 57 -2.05 -6.65 -5.37
N VAL B 58 -0.73 -6.72 -5.57
CA VAL B 58 0.17 -7.08 -4.49
C VAL B 58 0.29 -5.80 -3.67
N ARG B 59 0.11 -5.89 -2.36
CA ARG B 59 0.17 -4.69 -1.55
C ARG B 59 1.40 -4.57 -0.64
N LEU B 60 2.49 -5.18 -1.09
CA LEU B 60 3.74 -5.12 -0.36
C LEU B 60 4.70 -4.31 -1.19
N HIS B 61 5.72 -3.78 -0.53
CA HIS B 61 6.74 -2.95 -1.18
C HIS B 61 8.09 -3.19 -0.49
N PRO B 62 9.20 -3.06 -1.25
CA PRO B 62 9.21 -2.72 -2.67
C PRO B 62 8.89 -3.94 -3.52
N PHE B 63 8.19 -3.72 -4.62
CA PHE B 63 7.80 -4.77 -5.54
C PHE B 63 7.66 -4.23 -6.97
N GLY B 93 16.13 -7.36 -8.39
CA GLY B 93 14.99 -7.56 -7.50
C GLY B 93 15.19 -6.96 -6.11
N THR B 94 14.25 -7.26 -5.21
CA THR B 94 14.32 -6.76 -3.84
C THR B 94 13.58 -7.69 -2.89
N VAL B 95 13.54 -7.29 -1.63
CA VAL B 95 12.86 -8.06 -0.59
C VAL B 95 11.83 -7.17 0.06
N ALA B 96 10.74 -7.78 0.52
CA ALA B 96 9.66 -7.05 1.18
C ALA B 96 9.32 -7.71 2.50
N ARG B 97 9.14 -6.89 3.53
CA ARG B 97 8.84 -7.37 4.86
C ARG B 97 7.34 -7.51 5.08
N VAL B 98 6.95 -8.50 5.87
CA VAL B 98 5.55 -8.72 6.15
C VAL B 98 5.40 -8.91 7.64
N HIS B 99 4.29 -8.42 8.17
CA HIS B 99 3.99 -8.51 9.58
C HIS B 99 2.82 -9.46 9.74
N ILE B 100 2.57 -9.86 10.98
CA ILE B 100 1.46 -10.74 11.30
C ILE B 100 0.17 -9.92 11.19
N GLY B 101 -0.81 -10.45 10.46
CA GLY B 101 -2.08 -9.76 10.29
C GLY B 101 -2.04 -8.78 9.14
N GLN B 102 -0.90 -8.71 8.46
CA GLN B 102 -0.76 -7.80 7.33
C GLN B 102 -1.17 -8.39 5.99
N VAL B 103 -1.94 -7.62 5.22
CA VAL B 103 -2.40 -8.04 3.90
C VAL B 103 -1.24 -8.10 2.93
N ILE B 104 -1.09 -9.25 2.28
CA ILE B 104 -0.04 -9.45 1.31
C ILE B 104 -0.54 -9.02 -0.06
N MET B 105 -1.74 -9.47 -0.42
CA MET B 105 -2.32 -9.10 -1.70
C MET B 105 -3.85 -9.23 -1.65
N SER B 106 -4.52 -8.49 -2.51
CA SER B 106 -5.97 -8.48 -2.54
C SER B 106 -6.57 -8.61 -3.94
N ILE B 107 -7.78 -9.17 -3.99
CA ILE B 107 -8.53 -9.35 -5.22
C ILE B 107 -9.94 -8.82 -5.02
N ARG B 108 -10.47 -8.10 -6.01
CA ARG B 108 -11.86 -7.65 -5.91
C ARG B 108 -12.57 -8.10 -7.18
N THR B 109 -13.82 -8.53 -7.02
CA THR B 109 -14.59 -9.03 -8.15
C THR B 109 -16.07 -8.98 -7.80
N LYS B 110 -16.89 -9.61 -8.64
CA LYS B 110 -18.32 -9.64 -8.40
C LYS B 110 -18.66 -10.68 -7.34
N LEU B 111 -19.77 -10.43 -6.64
CA LEU B 111 -20.21 -11.32 -5.57
C LEU B 111 -20.30 -12.80 -5.97
N GLN B 112 -20.62 -13.06 -7.24
CA GLN B 112 -20.73 -14.43 -7.71
C GLN B 112 -19.41 -15.21 -7.66
N ASN B 113 -18.31 -14.56 -8.00
CA ASN B 113 -17.02 -15.22 -8.03
C ASN B 113 -16.33 -15.40 -6.68
N LYS B 114 -17.05 -15.15 -5.59
CA LYS B 114 -16.47 -15.30 -4.26
C LYS B 114 -15.67 -16.59 -4.04
N GLU B 115 -16.19 -17.70 -4.55
CA GLU B 115 -15.50 -18.98 -4.38
C GLU B 115 -14.20 -19.03 -5.17
N HIS B 116 -14.18 -18.36 -6.32
CA HIS B 116 -13.00 -18.33 -7.17
C HIS B 116 -11.88 -17.51 -6.54
N VAL B 117 -12.27 -16.48 -5.78
CA VAL B 117 -11.33 -15.60 -5.10
C VAL B 117 -10.63 -16.39 -4.01
N ILE B 118 -11.40 -17.18 -3.27
CA ILE B 118 -10.86 -18.00 -2.20
C ILE B 118 -9.90 -19.02 -2.78
N GLU B 119 -10.31 -19.68 -3.86
CA GLU B 119 -9.44 -20.66 -4.48
C GLU B 119 -8.19 -20.01 -5.05
N ALA B 120 -8.31 -18.80 -5.60
CA ALA B 120 -7.15 -18.12 -6.16
C ALA B 120 -6.11 -17.85 -5.08
N LEU B 121 -6.55 -17.23 -4.00
CA LEU B 121 -5.68 -16.90 -2.89
C LEU B 121 -5.16 -18.15 -2.17
N ARG B 122 -5.97 -19.20 -2.11
CA ARG B 122 -5.55 -20.44 -1.46
C ARG B 122 -4.38 -21.10 -2.20
N ARG B 123 -4.35 -20.99 -3.52
CA ARG B 123 -3.27 -21.60 -4.30
C ARG B 123 -2.05 -20.71 -4.28
N ALA B 124 -2.29 -19.41 -4.34
CA ALA B 124 -1.20 -18.44 -4.35
C ALA B 124 -0.35 -18.54 -3.09
N LYS B 125 -1.00 -18.73 -1.95
CA LYS B 125 -0.26 -18.81 -0.70
C LYS B 125 0.77 -19.94 -0.70
N PHE B 126 0.83 -20.74 -1.76
CA PHE B 126 1.82 -21.82 -1.76
C PHE B 126 3.17 -21.31 -2.20
N LYS B 127 3.14 -20.18 -2.90
CA LYS B 127 4.37 -19.56 -3.38
C LYS B 127 5.09 -18.76 -2.28
N PHE B 128 4.58 -18.86 -1.05
CA PHE B 128 5.16 -18.14 0.11
C PHE B 128 5.32 -19.06 1.31
N PRO B 129 6.47 -19.01 2.00
CA PRO B 129 6.73 -19.85 3.19
C PRO B 129 5.97 -19.31 4.42
N GLY B 130 5.95 -20.08 5.50
CA GLY B 130 5.25 -19.63 6.70
C GLY B 130 3.76 -19.69 6.44
N ARG B 131 2.92 -19.26 7.39
CA ARG B 131 1.46 -19.29 7.23
C ARG B 131 0.82 -18.05 6.61
N GLN B 132 -0.36 -18.25 6.03
CA GLN B 132 -1.15 -17.19 5.42
C GLN B 132 -2.64 -17.52 5.60
N LYS B 133 -3.43 -16.51 5.93
CA LYS B 133 -4.87 -16.69 6.11
C LYS B 133 -5.63 -15.98 5.00
N ILE B 134 -6.85 -16.44 4.74
CA ILE B 134 -7.66 -15.84 3.70
C ILE B 134 -8.87 -15.18 4.33
N HIS B 135 -9.07 -13.92 3.99
CA HIS B 135 -10.17 -13.15 4.54
C HIS B 135 -11.04 -12.58 3.42
N ILE B 136 -12.35 -12.75 3.54
CA ILE B 136 -13.26 -12.21 2.53
C ILE B 136 -14.03 -11.05 3.16
N SER B 137 -14.17 -9.96 2.43
CA SER B 137 -14.85 -8.79 2.96
C SER B 137 -15.38 -7.89 1.85
N LYS B 138 -16.09 -6.84 2.25
CA LYS B 138 -16.64 -5.89 1.28
C LYS B 138 -15.72 -4.66 1.31
N LYS B 139 -14.81 -4.67 2.28
CA LYS B 139 -13.84 -3.61 2.48
C LYS B 139 -12.48 -4.04 1.94
N TRP B 140 -11.75 -3.08 1.38
CA TRP B 140 -10.44 -3.32 0.82
C TRP B 140 -9.36 -3.15 1.88
N GLY B 141 -9.63 -2.30 2.87
CA GLY B 141 -8.68 -2.05 3.93
C GLY B 141 -7.63 -1.01 3.56
N PHE B 142 -7.00 -0.43 4.58
CA PHE B 142 -5.98 0.58 4.34
C PHE B 142 -5.16 0.81 5.60
N THR B 143 -3.96 1.35 5.42
CA THR B 143 -3.09 1.62 6.56
C THR B 143 -3.58 2.89 7.24
N LYS B 144 -3.66 2.86 8.56
CA LYS B 144 -4.13 4.01 9.32
C LYS B 144 -3.41 4.14 10.65
N PHE B 145 -3.37 5.36 11.16
CA PHE B 145 -2.72 5.64 12.43
C PHE B 145 -3.71 6.44 13.26
K K C . -4.89 20.20 2.51
K K D . 2.52 -20.82 2.75
#